data_8HCM
#
_entry.id   8HCM
#
_cell.length_a   61.118
_cell.length_b   61.118
_cell.length_c   220.054
_cell.angle_alpha   90.000
_cell.angle_beta   90.000
_cell.angle_gamma   120.000
#
_symmetry.space_group_name_H-M   'P 61 2 2'
#
loop_
_entity.id
_entity.type
_entity.pdbx_description
1 polymer 'Interferon regulatory factor'
2 polymer "DNA (5'-D(P*TP*AP*GP*AP*AP*AP*GP*TP*GP*AP*AP*AP*GP*C)-3')"
3 polymer "DNA (5'-D(P*GP*CP*TP*TP*TP*CP*AP*CP*TP*TP*TP*CP*TP*A)-3')"
4 water water
#
loop_
_entity_poly.entity_id
_entity_poly.type
_entity_poly.pdbx_seq_one_letter_code
_entity_poly.pdbx_strand_id
1 'polypeptide(L)'
;QCRLRPWLEEQIQSGRYPGVQWLDQSARVFQIPWKHAARHGWNIDKDATLFRNWAIHTGRYKPGIDKPDPKTWKANFRCA
LNSLTDVKELQDRSIKKGHNAFRVYALL
;
A
2 'polydeoxyribonucleotide' (DT)(DA)(DG)(DA)(DA)(DA)(DG)(DT)(DG)(DA)(DA)(DA)(DG)(DC) B
3 'polydeoxyribonucleotide' (DG)(DC)(DT)(DT)(DT)(DC)(DA)(DC)(DT)(DT)(DT)(DC)(DT)(DA) C
#
# COMPACT_ATOMS: atom_id res chain seq x y z
N GLN A 1 -3.14 -2.89 15.70
CA GLN A 1 -3.43 -4.24 15.14
C GLN A 1 -4.27 -4.12 13.85
N CYS A 2 -5.09 -3.07 13.76
CA CYS A 2 -5.98 -2.79 12.61
C CYS A 2 -5.83 -1.34 12.17
N ARG A 3 -4.82 -0.66 12.71
CA ARG A 3 -4.45 0.70 12.28
C ARG A 3 -3.51 0.58 11.08
N LEU A 4 -3.27 1.67 10.37
CA LEU A 4 -2.45 1.57 9.15
C LEU A 4 -1.07 0.96 9.41
N ARG A 5 -0.33 1.43 10.41
CA ARG A 5 1.06 0.98 10.56
C ARG A 5 1.16 -0.51 10.91
N PRO A 6 0.51 -1.01 11.98
CA PRO A 6 0.52 -2.46 12.20
C PRO A 6 -0.08 -3.25 11.07
N TRP A 7 -1.10 -2.73 10.38
CA TRP A 7 -1.66 -3.49 9.25
C TRP A 7 -0.66 -3.56 8.12
N LEU A 8 -0.01 -2.44 7.79
CA LEU A 8 0.95 -2.39 6.69
C LEU A 8 2.17 -3.25 7.01
N GLU A 9 2.77 -3.01 8.18
CA GLU A 9 3.85 -3.84 8.67
C GLU A 9 3.54 -5.33 8.55
N GLU A 10 2.29 -5.70 8.79
CA GLU A 10 1.88 -7.09 8.60
C GLU A 10 1.82 -7.45 7.12
N GLN A 11 1.20 -6.60 6.29
CA GLN A 11 1.10 -6.91 4.86
C GLN A 11 2.46 -7.14 4.25
N ILE A 12 3.44 -6.34 4.70
CA ILE A 12 4.80 -6.38 4.16
C ILE A 12 5.37 -7.77 4.40
N GLN A 13 5.39 -8.17 5.69
CA GLN A 13 5.95 -9.44 6.12
C GLN A 13 5.27 -10.63 5.47
N SER A 14 3.99 -10.52 5.14
CA SER A 14 3.30 -11.66 4.54
C SER A 14 3.99 -12.12 3.27
N GLY A 15 4.64 -11.21 2.54
CA GLY A 15 5.19 -11.57 1.27
C GLY A 15 4.16 -12.00 0.25
N ARG A 16 2.87 -11.69 0.45
CA ARG A 16 1.89 -12.09 -0.54
C ARG A 16 1.62 -11.00 -1.57
N TYR A 17 2.02 -9.75 -1.28
CA TYR A 17 1.86 -8.66 -2.23
C TYR A 17 3.17 -8.52 -3.00
N PRO A 18 3.28 -9.07 -4.21
CA PRO A 18 4.56 -9.03 -4.92
C PRO A 18 5.04 -7.59 -5.05
N GLY A 19 6.30 -7.38 -4.74
CA GLY A 19 6.89 -6.07 -4.79
C GLY A 19 6.90 -5.32 -3.48
N VAL A 20 6.08 -5.73 -2.53
CA VAL A 20 6.03 -5.13 -1.21
C VAL A 20 6.96 -5.93 -0.30
N GLN A 21 7.99 -5.29 0.24
CA GLN A 21 9.01 -6.07 0.92
C GLN A 21 9.92 -5.14 1.73
N TRP A 22 10.65 -5.74 2.65
CA TRP A 22 11.62 -4.99 3.42
C TRP A 22 12.85 -4.68 2.59
N LEU A 23 13.51 -3.59 2.92
CA LEU A 23 14.86 -3.30 2.45
C LEU A 23 15.87 -3.25 3.58
N ASP A 24 15.43 -2.90 4.79
CA ASP A 24 16.15 -3.11 6.04
C ASP A 24 15.12 -3.56 7.05
N GLN A 25 15.30 -4.76 7.59
CA GLN A 25 14.38 -5.28 8.59
C GLN A 25 14.47 -4.53 9.92
N SER A 26 15.63 -3.92 10.23
CA SER A 26 15.91 -3.34 11.55
C SER A 26 15.78 -1.82 11.62
N ALA A 27 16.00 -1.07 10.53
CA ALA A 27 15.57 0.33 10.50
C ALA A 27 14.12 0.46 10.04
N ARG A 28 13.48 -0.68 9.73
CA ARG A 28 12.08 -0.76 9.32
C ARG A 28 11.85 -0.02 8.00
N VAL A 29 12.56 -0.45 6.96
CA VAL A 29 12.45 0.22 5.67
C VAL A 29 11.84 -0.77 4.69
N PHE A 30 10.95 -0.26 3.84
CA PHE A 30 10.24 -1.10 2.90
C PHE A 30 9.90 -0.29 1.66
N GLN A 31 9.54 -1.00 0.60
CA GLN A 31 9.12 -0.37 -0.64
C GLN A 31 7.71 -0.83 -1.00
N ILE A 32 6.98 0.03 -1.68
CA ILE A 32 5.66 -0.30 -2.20
C ILE A 32 5.67 -0.02 -3.69
N PRO A 33 5.31 -0.98 -4.53
CA PRO A 33 5.18 -0.71 -5.97
C PRO A 33 4.23 0.44 -6.22
N TRP A 34 4.56 1.28 -7.21
CA TRP A 34 3.80 2.50 -7.48
C TRP A 34 3.64 2.74 -8.98
N LYS A 35 3.33 1.69 -9.74
CA LYS A 35 3.11 1.81 -11.17
C LYS A 35 1.99 2.80 -11.47
N HIS A 36 2.19 3.61 -12.50
CA HIS A 36 1.14 4.52 -12.96
C HIS A 36 0.07 3.71 -13.66
N ALA A 37 -1.19 3.96 -13.31
CA ALA A 37 -2.30 3.15 -13.87
C ALA A 37 -2.45 3.41 -15.37
N ALA A 38 -1.94 4.54 -15.83
CA ALA A 38 -2.01 4.90 -17.26
C ALA A 38 -0.92 4.18 -18.04
N ARG A 39 -0.11 3.37 -17.36
CA ARG A 39 0.98 2.64 -18.04
C ARG A 39 0.42 1.43 -18.78
N HIS A 40 1.22 0.86 -19.68
CA HIS A 40 0.73 -0.24 -20.54
C HIS A 40 0.62 -1.56 -19.78
N GLY A 41 1.61 -1.91 -18.97
CA GLY A 41 1.53 -3.19 -18.28
C GLY A 41 0.49 -3.23 -17.16
N TRP A 42 0.12 -2.07 -16.60
CA TRP A 42 -0.68 -2.01 -15.38
C TRP A 42 -1.94 -2.86 -15.49
N ASN A 43 -2.32 -3.48 -14.37
CA ASN A 43 -3.60 -4.16 -14.30
C ASN A 43 -4.08 -4.21 -12.85
N ILE A 44 -5.38 -3.95 -12.66
CA ILE A 44 -5.97 -3.82 -11.31
C ILE A 44 -5.53 -4.89 -10.35
N ASP A 45 -5.32 -6.10 -10.83
CA ASP A 45 -5.20 -7.23 -9.94
C ASP A 45 -3.77 -7.52 -9.53
N LYS A 46 -2.80 -6.84 -10.11
CA LYS A 46 -1.41 -7.05 -9.76
C LYS A 46 -0.70 -5.78 -9.33
N ASP A 47 -1.31 -4.61 -9.50
CA ASP A 47 -0.71 -3.34 -9.12
C ASP A 47 -1.50 -2.55 -8.09
N ALA A 48 -2.72 -2.93 -7.78
CA ALA A 48 -3.54 -2.15 -6.87
C ALA A 48 -4.08 -3.02 -5.74
N THR A 49 -3.45 -4.17 -5.49
CA THR A 49 -4.00 -5.10 -4.51
C THR A 49 -3.86 -4.54 -3.10
N LEU A 50 -2.65 -4.11 -2.74
CA LEU A 50 -2.43 -3.58 -1.41
C LEU A 50 -3.35 -2.40 -1.12
N PHE A 51 -3.48 -1.49 -2.08
CA PHE A 51 -4.42 -0.37 -1.90
C PHE A 51 -5.83 -0.89 -1.77
N ARG A 52 -6.18 -1.88 -2.58
CA ARG A 52 -7.54 -2.41 -2.55
C ARG A 52 -7.83 -3.03 -1.19
N ASN A 53 -6.89 -3.81 -0.66
CA ASN A 53 -7.13 -4.49 0.60
C ASN A 53 -7.33 -3.49 1.72
N TRP A 54 -6.52 -2.43 1.74
CA TRP A 54 -6.75 -1.36 2.69
C TRP A 54 -8.18 -0.81 2.62
N ALA A 55 -8.76 -0.75 1.43
CA ALA A 55 -10.13 -0.28 1.35
C ALA A 55 -11.09 -1.33 1.88
N ILE A 56 -10.81 -2.62 1.61
CA ILE A 56 -11.66 -3.66 2.16
C ILE A 56 -11.54 -3.65 3.66
N HIS A 57 -10.32 -3.52 4.16
CA HIS A 57 -10.08 -3.59 5.59
C HIS A 57 -10.82 -2.47 6.32
N THR A 58 -10.78 -1.25 5.78
CA THR A 58 -11.47 -0.13 6.42
C THR A 58 -12.92 0.01 6.00
N GLY A 59 -13.47 -0.99 5.31
CA GLY A 59 -14.85 -0.95 4.86
C GLY A 59 -15.15 -0.02 3.70
N ARG A 60 -14.14 0.61 3.13
CA ARG A 60 -14.41 1.59 2.09
C ARG A 60 -14.79 0.92 0.77
N TYR A 61 -14.46 -0.37 0.60
CA TYR A 61 -14.77 -1.14 -0.61
C TYR A 61 -15.38 -2.49 -0.24
N LYS A 62 -16.55 -2.78 -0.76
CA LYS A 62 -17.15 -4.09 -0.53
C LYS A 62 -17.21 -4.84 -1.85
N PRO A 63 -16.42 -5.90 -2.00
CA PRO A 63 -16.35 -6.58 -3.29
C PRO A 63 -17.71 -7.17 -3.64
N GLY A 64 -18.07 -7.07 -4.92
CA GLY A 64 -19.33 -7.58 -5.38
C GLY A 64 -20.45 -6.55 -5.32
N ILE A 65 -20.40 -5.66 -4.33
CA ILE A 65 -21.44 -4.66 -4.16
C ILE A 65 -21.06 -3.32 -4.78
N ASP A 66 -19.79 -2.95 -4.68
CA ASP A 66 -19.31 -1.65 -5.14
C ASP A 66 -18.59 -1.76 -6.48
N LYS A 67 -18.60 -0.70 -7.25
CA LYS A 67 -17.78 -0.80 -8.44
C LYS A 67 -16.32 -0.49 -8.08
N PRO A 68 -15.37 -1.29 -8.59
CA PRO A 68 -13.95 -1.04 -8.29
C PRO A 68 -13.58 0.41 -8.60
N ASP A 69 -12.63 0.94 -7.80
CA ASP A 69 -12.17 2.32 -7.90
C ASP A 69 -10.68 2.46 -7.57
N PRO A 70 -9.80 1.82 -8.34
CA PRO A 70 -8.37 1.80 -7.97
C PRO A 70 -7.76 3.17 -7.78
N LYS A 71 -8.19 4.15 -8.58
CA LYS A 71 -7.76 5.52 -8.36
C LYS A 71 -7.98 5.91 -6.91
N THR A 72 -9.24 5.80 -6.45
CA THR A 72 -9.53 6.13 -5.06
C THR A 72 -8.71 5.28 -4.10
N TRP A 73 -8.66 3.97 -4.33
CA TRP A 73 -7.84 3.13 -3.46
C TRP A 73 -6.42 3.68 -3.36
N LYS A 74 -5.82 4.02 -4.49
CA LYS A 74 -4.44 4.50 -4.46
C LYS A 74 -4.33 5.78 -3.66
N ALA A 75 -5.24 6.73 -3.87
CA ALA A 75 -5.14 8.04 -3.24
C ALA A 75 -5.49 7.95 -1.76
N ASN A 76 -6.52 7.18 -1.42
CA ASN A 76 -6.86 6.95 -0.02
C ASN A 76 -5.66 6.40 0.73
N PHE A 77 -5.02 5.36 0.18
CA PHE A 77 -3.89 4.75 0.83
C PHE A 77 -2.74 5.75 1.00
N ARG A 78 -2.45 6.51 -0.07
CA ARG A 78 -1.33 7.44 0.01
C ARG A 78 -1.59 8.55 1.02
N CYS A 79 -2.82 9.03 1.15
CA CYS A 79 -3.10 10.04 2.15
C CYS A 79 -3.15 9.47 3.56
N ALA A 80 -3.62 8.23 3.74
CA ALA A 80 -3.54 7.65 5.07
C ALA A 80 -2.10 7.38 5.47
N LEU A 81 -1.29 6.89 4.53
CA LEU A 81 0.10 6.62 4.86
C LEU A 81 0.82 7.91 5.21
N ASN A 82 0.64 8.95 4.38
CA ASN A 82 1.26 10.25 4.62
C ASN A 82 0.78 10.91 5.91
N SER A 83 -0.41 10.56 6.38
CA SER A 83 -0.89 11.14 7.61
C SER A 83 -0.21 10.56 8.82
N LEU A 84 0.42 9.40 8.69
CA LEU A 84 1.08 8.80 9.83
C LEU A 84 2.31 9.64 10.19
N THR A 85 2.44 9.97 11.48
CA THR A 85 3.57 10.75 11.98
C THR A 85 4.73 9.88 12.44
N ASP A 86 4.54 8.57 12.57
CA ASP A 86 5.60 7.62 12.89
C ASP A 86 6.05 6.79 11.67
N VAL A 87 5.72 7.26 10.45
CA VAL A 87 6.28 6.71 9.21
C VAL A 87 6.82 7.85 8.37
N LYS A 88 7.96 7.61 7.73
CA LYS A 88 8.63 8.61 6.91
C LYS A 88 8.83 8.06 5.51
N GLU A 89 8.57 8.88 4.51
CA GLU A 89 8.95 8.57 3.14
C GLU A 89 10.38 9.05 2.90
N LEU A 90 11.27 8.11 2.58
CA LEU A 90 12.61 8.47 2.17
C LEU A 90 12.51 8.85 0.71
N GLN A 91 12.50 10.14 0.43
CA GLN A 91 12.45 10.54 -0.97
C GLN A 91 13.82 10.26 -1.61
N ASP A 92 14.22 8.99 -1.54
CA ASP A 92 15.47 8.45 -2.04
C ASP A 92 16.60 9.44 -2.09
N ALA A 101 9.41 1.71 -10.63
CA ALA A 101 8.48 2.71 -10.09
C ALA A 101 8.01 2.33 -8.70
N PHE A 102 8.61 2.92 -7.66
CA PHE A 102 8.24 2.53 -6.29
C PHE A 102 8.32 3.73 -5.36
N ARG A 103 7.82 3.52 -4.16
CA ARG A 103 7.94 4.45 -3.04
C ARG A 103 8.58 3.72 -1.86
N VAL A 104 9.49 4.39 -1.16
CA VAL A 104 10.29 3.76 -0.11
C VAL A 104 10.02 4.48 1.21
N TYR A 105 9.63 3.73 2.23
CA TYR A 105 9.28 4.32 3.52
C TYR A 105 10.07 3.67 4.65
N ALA A 106 10.08 4.35 5.79
CA ALA A 106 10.72 3.86 6.99
C ALA A 106 9.71 3.93 8.13
N LEU A 107 9.54 2.83 8.86
CA LEU A 107 8.76 2.87 10.09
C LEU A 107 9.66 3.35 11.21
N LEU A 108 9.29 4.46 11.83
CA LEU A 108 10.11 5.01 12.87
C LEU A 108 9.65 4.40 14.20
#